data_6WT3
#
_entry.id   6WT3
#
_cell.length_a   138.790
_cell.length_b   37.070
_cell.length_c   107.960
_cell.angle_alpha   90.00
_cell.angle_beta   126.19
_cell.angle_gamma   90.00
#
_symmetry.space_group_name_H-M   'C 1 2 1'
#
loop_
_entity.id
_entity.type
_entity.pdbx_description
1 polymer '5D2 FAB HEAVY CHAIN'
2 polymer '5D2 FAB LIGHT CHAIN'
3 water water
#
loop_
_entity_poly.entity_id
_entity_poly.type
_entity_poly.pdbx_seq_one_letter_code
_entity_poly.pdbx_strand_id
1 'polypeptide(L)'
;SKVQLQQSGAELVKPGASVKLSCKASGYTFTEYIIHWVKQKSGQGLEWIGWFYPGSGNIKYNEKFKDKATLTADKSSSTV
YMELSRLTSEDSAVYFCARHEDRNYYSYWDYWGQGTTLTVSSAKTTPPSVYPLAPGSAAQTNSMVTLGCLVKGYFPEPVT
VTWNSGSLSSGVHTFPAVLQSDLYTLSSSVTVPSSTWPSETVTCNVAHPASSTKVDKKIVPRD
;
H
2 'polypeptide(L)'
;GQIVLTQSPALMSASPGEKVTMTCSASSSVSNMYWYQQKPRSSPKPWIYLTSNLASGVPARFSGSGSGTSYSLTISSMEA
EDAATYYCQQWSSNPLTFGAGTKLELKRADAAPTVSIFPPSSEQLTSGGASVVCFLNNFYPKDINVKWKIDGSERQNGVL
NSWTDQDSKDSTYSMSSTLTLTKDEYERHNSYTCEATHKTSTSPIVKSFNRNEC
;
L
#
# COMPACT_ATOMS: atom_id res chain seq x y z
N LYS A 2 -8.53 -25.83 -8.43
CA LYS A 2 -8.64 -24.90 -7.30
C LYS A 2 -9.35 -23.61 -7.73
N VAL A 3 -10.09 -23.02 -6.79
CA VAL A 3 -10.84 -21.80 -7.07
C VAL A 3 -9.87 -20.65 -7.25
N GLN A 4 -9.99 -19.94 -8.37
CA GLN A 4 -9.14 -18.80 -8.66
C GLN A 4 -9.93 -17.75 -9.43
N LEU A 5 -9.87 -16.50 -8.96
CA LEU A 5 -10.48 -15.37 -9.64
C LEU A 5 -9.36 -14.44 -10.09
N GLN A 6 -9.30 -14.15 -11.39
CA GLN A 6 -8.23 -13.38 -11.98
C GLN A 6 -8.80 -12.15 -12.66
N GLN A 7 -8.23 -10.99 -12.34
CA GLN A 7 -8.73 -9.71 -12.82
C GLN A 7 -7.72 -9.07 -13.76
N SER A 8 -8.22 -8.16 -14.60
CA SER A 8 -7.37 -7.46 -15.55
C SER A 8 -6.36 -6.57 -14.85
N GLY A 9 -5.30 -6.22 -15.58
CA GLY A 9 -4.24 -5.42 -15.01
C GLY A 9 -4.62 -3.97 -14.81
N ALA A 10 -3.73 -3.23 -14.14
CA ALA A 10 -3.96 -1.83 -13.84
C ALA A 10 -4.20 -1.03 -15.12
N GLU A 11 -4.94 0.07 -14.99
CA GLU A 11 -5.33 0.86 -16.14
C GLU A 11 -5.13 2.34 -15.87
N LEU A 12 -4.96 3.09 -16.96
CA LEU A 12 -4.83 4.54 -16.92
C LEU A 12 -5.65 5.11 -18.07
N VAL A 13 -6.70 5.85 -17.74
CA VAL A 13 -7.62 6.39 -18.73
C VAL A 13 -7.77 7.88 -18.48
N LYS A 14 -8.05 8.64 -19.56
CA LYS A 14 -8.33 10.05 -19.46
C LYS A 14 -9.77 10.27 -18.99
N PRO A 15 -10.02 11.37 -18.28
CA PRO A 15 -11.37 11.60 -17.74
C PRO A 15 -12.40 11.75 -18.85
N GLY A 16 -13.55 11.11 -18.66
CA GLY A 16 -14.62 11.15 -19.64
C GLY A 16 -14.81 9.83 -20.36
N ALA A 17 -13.71 9.15 -20.66
CA ALA A 17 -13.79 7.88 -21.37
C ALA A 17 -14.33 6.80 -20.44
N SER A 18 -14.38 5.58 -20.97
CA SER A 18 -14.87 4.41 -20.25
C SER A 18 -13.75 3.39 -20.09
N VAL A 19 -14.00 2.43 -19.20
CA VAL A 19 -13.07 1.33 -18.95
C VAL A 19 -13.90 0.09 -18.64
N LYS A 20 -13.37 -1.07 -19.05
CA LYS A 20 -14.04 -2.35 -18.86
C LYS A 20 -13.14 -3.25 -18.02
N LEU A 21 -13.44 -3.36 -16.73
CA LEU A 21 -12.72 -4.25 -15.84
C LEU A 21 -13.34 -5.65 -15.89
N SER A 22 -12.49 -6.66 -15.89
CA SER A 22 -12.92 -8.06 -16.04
C SER A 22 -12.48 -8.89 -14.84
N CYS A 23 -13.33 -9.86 -14.48
CA CYS A 23 -13.08 -10.83 -13.42
C CYS A 23 -13.31 -12.24 -14.00
N LYS A 24 -12.24 -13.04 -14.07
CA LYS A 24 -12.26 -14.33 -14.75
C LYS A 24 -12.26 -15.46 -13.72
N ALA A 25 -13.33 -16.25 -13.71
CA ALA A 25 -13.45 -17.37 -12.77
C ALA A 25 -12.98 -18.66 -13.41
N SER A 26 -12.55 -19.59 -12.57
CA SER A 26 -12.09 -20.90 -13.03
C SER A 26 -11.97 -21.81 -11.82
N GLY A 27 -12.12 -23.11 -12.06
CA GLY A 27 -11.99 -24.10 -11.00
C GLY A 27 -13.26 -24.39 -10.24
N TYR A 28 -14.41 -23.92 -10.73
CA TYR A 28 -15.70 -24.16 -10.08
C TYR A 28 -16.78 -23.77 -11.06
N THR A 29 -17.99 -24.25 -10.79
CA THR A 29 -19.11 -24.03 -11.69
C THR A 29 -19.52 -22.56 -11.66
N PHE A 30 -19.43 -21.90 -12.81
CA PHE A 30 -19.69 -20.46 -12.90
C PHE A 30 -21.11 -20.12 -12.47
N THR A 31 -22.08 -20.95 -12.83
CA THR A 31 -23.48 -20.62 -12.63
C THR A 31 -24.00 -21.06 -11.26
N GLU A 32 -23.12 -21.08 -10.27
CA GLU A 32 -23.50 -21.45 -8.92
C GLU A 32 -23.12 -20.41 -7.87
N TYR A 33 -22.42 -19.34 -8.26
CA TYR A 33 -21.94 -18.36 -7.30
C TYR A 33 -22.20 -16.95 -7.84
N ILE A 34 -22.34 -16.00 -6.91
CA ILE A 34 -22.64 -14.61 -7.24
C ILE A 34 -21.36 -13.80 -7.12
N ILE A 35 -21.08 -12.98 -8.13
CA ILE A 35 -19.89 -12.14 -8.16
C ILE A 35 -20.26 -10.74 -7.68
N HIS A 36 -19.64 -10.31 -6.59
CA HIS A 36 -19.75 -8.94 -6.11
C HIS A 36 -18.57 -8.11 -6.59
N TRP A 37 -18.74 -6.80 -6.58
CA TRP A 37 -17.68 -5.86 -6.94
C TRP A 37 -17.52 -4.85 -5.83
N VAL A 38 -16.27 -4.55 -5.49
CA VAL A 38 -15.95 -3.66 -4.38
C VAL A 38 -14.90 -2.66 -4.83
N LYS A 39 -15.06 -1.41 -4.39
CA LYS A 39 -14.13 -0.33 -4.66
C LYS A 39 -13.44 0.10 -3.37
N GLN A 40 -12.11 0.27 -3.45
CA GLN A 40 -11.31 0.76 -2.33
C GLN A 40 -10.40 1.86 -2.85
N LYS A 41 -10.81 3.11 -2.68
CA LYS A 41 -9.92 4.23 -2.97
C LYS A 41 -8.68 4.10 -2.11
N SER A 42 -7.51 4.12 -2.76
CA SER A 42 -6.23 3.89 -2.10
C SER A 42 -6.11 4.66 -0.80
N GLY A 43 -5.97 3.92 0.29
CA GLY A 43 -5.90 4.53 1.62
C GLY A 43 -7.19 4.39 2.39
N GLN A 44 -8.32 4.67 1.72
CA GLN A 44 -9.62 4.67 2.37
C GLN A 44 -10.13 3.24 2.55
N GLY A 45 -11.40 3.11 2.93
CA GLY A 45 -12.00 1.83 3.20
C GLY A 45 -12.75 1.27 2.00
N LEU A 46 -13.36 0.11 2.22
CA LEU A 46 -14.04 -0.63 1.17
C LEU A 46 -15.44 -0.06 0.91
N GLU A 47 -15.91 -0.26 -0.33
CA GLU A 47 -17.25 0.15 -0.71
C GLU A 47 -17.80 -0.84 -1.72
N TRP A 48 -19.06 -1.22 -1.53
CA TRP A 48 -19.74 -2.16 -2.42
C TRP A 48 -20.38 -1.40 -3.58
N ILE A 49 -20.31 -1.99 -4.78
CA ILE A 49 -20.83 -1.37 -5.98
C ILE A 49 -22.06 -2.11 -6.50
N GLY A 50 -22.09 -3.43 -6.34
CA GLY A 50 -23.20 -4.22 -6.85
C GLY A 50 -22.77 -5.67 -6.99
N TRP A 51 -23.76 -6.52 -7.27
CA TRP A 51 -23.53 -7.93 -7.51
CA TRP A 51 -23.47 -7.91 -7.54
C TRP A 51 -24.11 -8.33 -8.87
N PHE A 52 -23.70 -9.51 -9.33
CA PHE A 52 -24.17 -10.09 -10.58
C PHE A 52 -24.26 -11.58 -10.39
N TYR A 53 -25.42 -12.15 -10.72
CA TYR A 53 -25.55 -13.60 -10.68
C TYR A 53 -25.64 -14.15 -12.10
N PRO A 54 -24.63 -14.88 -12.57
CA PRO A 54 -24.75 -15.53 -13.88
C PRO A 54 -25.80 -16.63 -13.86
N GLY A 55 -26.38 -16.87 -15.03
CA GLY A 55 -27.47 -17.83 -15.15
C GLY A 55 -28.79 -17.11 -15.28
N SER A 56 -29.22 -16.46 -14.20
CA SER A 56 -30.39 -15.59 -14.28
C SER A 56 -30.05 -14.24 -14.87
N GLY A 57 -28.76 -13.88 -14.92
CA GLY A 57 -28.39 -12.54 -15.35
C GLY A 57 -28.88 -11.45 -14.44
N ASN A 58 -29.13 -11.77 -13.18
CA ASN A 58 -29.71 -10.82 -12.24
C ASN A 58 -28.65 -9.86 -11.74
N ILE A 59 -28.99 -8.57 -11.73
CA ILE A 59 -28.08 -7.51 -11.31
C ILE A 59 -28.74 -6.73 -10.17
N LYS A 60 -27.91 -6.11 -9.34
CA LYS A 60 -28.39 -5.25 -8.26
C LYS A 60 -27.25 -4.30 -7.89
N TYR A 61 -27.31 -3.07 -8.39
CA TYR A 61 -26.26 -2.11 -8.16
C TYR A 61 -26.41 -1.45 -6.80
N ASN A 62 -25.28 -1.20 -6.14
CA ASN A 62 -25.27 -0.18 -5.11
C ASN A 62 -25.76 1.09 -5.75
N GLU A 63 -26.80 1.65 -5.15
CA GLU A 63 -27.60 2.68 -5.77
C GLU A 63 -26.86 4.03 -5.86
N LYS A 64 -25.68 4.13 -5.26
CA LYS A 64 -24.77 5.24 -5.54
C LYS A 64 -24.12 5.11 -6.91
N PHE A 65 -23.69 3.90 -7.28
CA PHE A 65 -23.02 3.63 -8.55
C PHE A 65 -24.00 3.21 -9.65
N LYS A 66 -25.25 3.68 -9.58
CA LYS A 66 -26.26 3.24 -10.53
C LYS A 66 -25.95 3.71 -11.95
N ASP A 67 -25.57 4.97 -12.11
CA ASP A 67 -25.24 5.53 -13.41
C ASP A 67 -23.76 5.38 -13.75
N LYS A 68 -22.93 4.99 -12.78
CA LYS A 68 -21.49 4.90 -13.00
C LYS A 68 -21.10 3.56 -13.62
N ALA A 69 -21.72 2.47 -13.19
CA ALA A 69 -21.25 1.13 -13.49
C ALA A 69 -22.30 0.32 -14.23
N THR A 70 -21.82 -0.57 -15.09
CA THR A 70 -22.65 -1.52 -15.83
C THR A 70 -22.05 -2.91 -15.68
N LEU A 71 -22.86 -3.86 -15.23
CA LEU A 71 -22.42 -5.23 -14.99
C LEU A 71 -22.95 -6.14 -16.09
N THR A 72 -22.03 -6.77 -16.83
CA THR A 72 -22.35 -7.74 -17.86
C THR A 72 -21.53 -9.01 -17.62
N ALA A 73 -21.73 -10.02 -18.47
CA ALA A 73 -21.01 -11.27 -18.33
C ALA A 73 -20.99 -12.02 -19.66
N ASP A 74 -19.92 -12.78 -19.86
CA ASP A 74 -19.72 -13.57 -21.08
C ASP A 74 -20.26 -14.99 -20.94
N LYS A 75 -19.94 -15.65 -19.82
CA LYS A 75 -20.42 -16.99 -19.47
C LYS A 75 -19.79 -18.10 -20.31
N SER A 76 -19.49 -17.82 -21.59
CA SER A 76 -18.74 -18.80 -22.37
C SER A 76 -17.30 -18.93 -21.88
N SER A 77 -16.72 -17.84 -21.39
CA SER A 77 -15.40 -17.86 -20.79
C SER A 77 -15.43 -17.80 -19.27
N SER A 78 -16.62 -17.80 -18.68
CA SER A 78 -16.80 -17.61 -17.24
C SER A 78 -16.09 -16.34 -16.77
N THR A 79 -16.61 -15.21 -17.24
CA THR A 79 -15.98 -13.91 -16.99
C THR A 79 -17.06 -12.86 -16.79
N VAL A 80 -16.94 -12.11 -15.70
CA VAL A 80 -17.85 -11.00 -15.39
C VAL A 80 -17.15 -9.70 -15.76
N TYR A 81 -17.91 -8.76 -16.32
CA TYR A 81 -17.40 -7.47 -16.75
C TYR A 81 -18.03 -6.34 -15.94
N MET A 82 -17.25 -5.30 -15.68
CA MET A 82 -17.73 -4.05 -15.12
C MET A 82 -17.22 -2.90 -15.97
N GLU A 83 -18.14 -2.13 -16.53
CA GLU A 83 -17.80 -0.95 -17.28
C GLU A 83 -18.10 0.29 -16.46
N LEU A 84 -17.14 1.22 -16.42
CA LEU A 84 -17.33 2.52 -15.79
C LEU A 84 -17.29 3.58 -16.88
N SER A 85 -18.25 4.50 -16.87
CA SER A 85 -18.38 5.49 -17.91
C SER A 85 -18.39 6.89 -17.29
N ARG A 86 -17.98 7.87 -18.11
CA ARG A 86 -17.86 9.26 -17.69
C ARG A 86 -16.95 9.38 -16.47
N LEU A 87 -15.72 8.86 -16.63
CA LEU A 87 -14.78 8.78 -15.53
C LEU A 87 -14.33 10.16 -15.08
N THR A 88 -14.12 10.30 -13.77
CA THR A 88 -13.55 11.51 -13.19
C THR A 88 -12.40 11.17 -12.25
N SER A 89 -11.86 12.19 -11.56
CA SER A 89 -10.66 11.98 -10.75
C SER A 89 -10.92 11.06 -9.56
N GLU A 90 -12.12 11.11 -8.99
CA GLU A 90 -12.43 10.33 -7.80
C GLU A 90 -12.87 8.90 -8.11
N ASP A 91 -12.74 8.46 -9.35
CA ASP A 91 -12.91 7.05 -9.70
C ASP A 91 -11.60 6.27 -9.58
N SER A 92 -10.48 6.96 -9.42
CA SER A 92 -9.19 6.30 -9.20
C SER A 92 -9.24 5.50 -7.91
N ALA A 93 -9.17 4.18 -8.03
CA ALA A 93 -9.31 3.29 -6.88
C ALA A 93 -8.89 1.88 -7.30
N VAL A 94 -8.83 0.99 -6.33
CA VAL A 94 -8.53 -0.42 -6.56
C VAL A 94 -9.85 -1.19 -6.48
N TYR A 95 -10.16 -1.96 -7.51
CA TYR A 95 -11.46 -2.61 -7.64
C TYR A 95 -11.29 -4.12 -7.52
N PHE A 96 -12.02 -4.72 -6.58
CA PHE A 96 -12.01 -6.15 -6.35
C PHE A 96 -13.29 -6.79 -6.87
N CYS A 97 -13.20 -8.08 -7.16
CA CYS A 97 -14.35 -8.96 -7.40
C CYS A 97 -14.32 -10.08 -6.36
N ALA A 98 -15.51 -10.51 -5.93
CA ALA A 98 -15.61 -11.52 -4.88
C ALA A 98 -16.75 -12.49 -5.20
N ARG A 99 -16.64 -13.69 -4.64
CA ARG A 99 -17.55 -14.80 -4.96
C ARG A 99 -18.32 -15.23 -3.73
N HIS A 100 -19.61 -15.55 -3.93
CA HIS A 100 -20.49 -15.98 -2.85
C HIS A 100 -21.51 -16.97 -3.39
N GLU A 101 -21.80 -18.01 -2.61
CA GLU A 101 -22.70 -19.06 -3.07
C GLU A 101 -24.11 -18.50 -3.30
N ASP A 102 -24.83 -19.14 -4.22
CA ASP A 102 -26.09 -18.59 -4.72
C ASP A 102 -27.21 -18.79 -3.71
N ARG A 103 -27.35 -19.99 -3.15
CA ARG A 103 -28.43 -20.33 -2.23
C ARG A 103 -27.80 -20.94 -0.97
N ASN A 104 -27.42 -20.08 -0.02
CA ASN A 104 -26.72 -20.57 1.17
C ASN A 104 -27.19 -19.88 2.45
N TYR A 105 -26.88 -18.59 2.58
CA TYR A 105 -27.05 -17.78 3.78
C TYR A 105 -25.98 -18.11 4.81
N TYR A 106 -25.64 -19.39 4.94
CA TYR A 106 -24.58 -19.84 5.84
C TYR A 106 -23.21 -19.80 5.17
N SER A 107 -23.03 -18.93 4.20
CA SER A 107 -21.79 -18.78 3.44
C SER A 107 -21.23 -17.38 3.62
N TYR A 108 -20.07 -17.14 3.02
CA TYR A 108 -19.39 -15.85 3.09
C TYR A 108 -18.68 -15.62 1.76
N TRP A 109 -18.03 -14.47 1.64
CA TRP A 109 -17.29 -14.12 0.43
C TRP A 109 -15.94 -14.83 0.51
N ASP A 110 -15.95 -16.10 0.11
CA ASP A 110 -14.85 -17.00 0.43
C ASP A 110 -13.63 -16.81 -0.45
N TYR A 111 -13.77 -16.22 -1.63
CA TYR A 111 -12.64 -16.07 -2.53
C TYR A 111 -12.69 -14.72 -3.23
N TRP A 112 -11.54 -14.06 -3.29
CA TRP A 112 -11.38 -12.76 -3.94
C TRP A 112 -10.39 -12.89 -5.09
N GLY A 113 -10.41 -11.90 -5.97
CA GLY A 113 -9.60 -11.97 -7.17
C GLY A 113 -8.61 -10.86 -7.38
N GLN A 114 -7.86 -10.51 -6.32
CA GLN A 114 -6.83 -9.48 -6.35
C GLN A 114 -7.39 -8.12 -6.76
N GLY A 115 -6.55 -7.09 -6.80
CA GLY A 115 -7.00 -5.76 -7.14
C GLY A 115 -6.74 -5.39 -8.60
N THR A 116 -7.41 -4.31 -9.01
CA THR A 116 -7.14 -3.65 -10.28
C THR A 116 -7.14 -2.15 -10.02
N THR A 117 -6.00 -1.50 -10.23
CA THR A 117 -5.80 -0.11 -9.83
C THR A 117 -6.09 0.78 -11.05
N LEU A 118 -7.30 1.31 -11.10
CA LEU A 118 -7.67 2.25 -12.16
C LEU A 118 -7.17 3.64 -11.82
N THR A 119 -6.50 4.29 -12.77
CA THR A 119 -6.01 5.65 -12.62
C THR A 119 -6.69 6.52 -13.66
N VAL A 120 -7.34 7.59 -13.20
CA VAL A 120 -8.03 8.53 -14.08
C VAL A 120 -7.25 9.84 -14.04
N SER A 121 -6.63 10.19 -15.15
CA SER A 121 -5.80 11.39 -15.19
C SER A 121 -5.57 11.79 -16.64
N SER A 122 -5.31 13.07 -16.84
CA SER A 122 -4.90 13.61 -18.13
C SER A 122 -3.38 13.65 -18.29
N ALA A 123 -2.64 13.13 -17.32
CA ALA A 123 -1.20 13.19 -17.39
C ALA A 123 -0.65 12.18 -18.39
N LYS A 124 0.38 12.57 -19.11
CA LYS A 124 0.96 11.71 -20.12
C LYS A 124 1.86 10.65 -19.49
N THR A 125 1.86 9.47 -20.09
CA THR A 125 2.71 8.37 -19.65
C THR A 125 4.19 8.75 -19.72
N THR A 126 4.91 8.55 -18.60
CA THR A 126 6.26 9.07 -18.50
C THR A 126 7.25 8.05 -17.95
N PRO A 127 8.32 7.74 -18.69
CA PRO A 127 9.34 6.81 -18.18
C PRO A 127 10.10 7.42 -17.02
N PRO A 128 10.80 6.61 -16.21
CA PRO A 128 11.43 7.13 -15.00
C PRO A 128 12.90 7.49 -15.17
N SER A 129 13.41 8.37 -14.31
CA SER A 129 14.82 8.70 -14.23
C SER A 129 15.39 8.02 -12.99
N VAL A 130 16.41 7.19 -13.17
CA VAL A 130 16.95 6.35 -12.11
C VAL A 130 18.36 6.84 -11.78
N TYR A 131 18.55 7.26 -10.53
CA TYR A 131 19.85 7.78 -10.11
C TYR A 131 20.41 6.94 -8.96
N PRO A 132 21.69 6.60 -9.00
CA PRO A 132 22.30 5.84 -7.91
C PRO A 132 22.65 6.72 -6.72
N LEU A 133 22.62 6.11 -5.54
CA LEU A 133 22.90 6.81 -4.29
C LEU A 133 23.96 6.03 -3.51
N ALA A 134 25.21 6.53 -3.55
CA ALA A 134 26.34 6.02 -2.80
C ALA A 134 26.74 7.01 -1.70
N PRO A 135 27.25 6.53 -0.58
CA PRO A 135 27.51 7.41 0.57
C PRO A 135 28.85 8.10 0.47
N GLY A 136 29.19 8.84 1.52
CA GLY A 136 30.43 9.59 1.58
C GLY A 136 30.44 10.56 2.75
N SER A 143 30.67 0.24 9.24
CA SER A 143 30.72 -1.20 9.48
C SER A 143 29.69 -1.92 8.60
N MET A 144 28.52 -1.30 8.45
CA MET A 144 27.46 -1.76 7.57
C MET A 144 27.09 -0.63 6.65
N VAL A 145 27.13 -0.87 5.33
CA VAL A 145 27.09 0.18 4.33
C VAL A 145 25.72 0.20 3.67
N THR A 146 25.02 1.32 3.80
CA THR A 146 23.71 1.49 3.19
C THR A 146 23.87 2.12 1.80
N LEU A 147 23.25 1.50 0.81
CA LEU A 147 23.18 2.04 -0.55
C LEU A 147 21.72 2.32 -0.90
N GLY A 148 21.49 2.72 -2.15
CA GLY A 148 20.15 2.97 -2.62
C GLY A 148 20.18 3.58 -4.00
N CYS A 149 19.00 3.67 -4.60
CA CYS A 149 18.82 4.37 -5.86
C CYS A 149 17.50 5.12 -5.85
N LEU A 150 17.48 6.29 -6.49
CA LEU A 150 16.32 7.16 -6.53
C LEU A 150 15.62 7.01 -7.88
N VAL A 151 14.31 6.84 -7.85
CA VAL A 151 13.50 6.69 -9.06
C VAL A 151 12.52 7.85 -9.08
N LYS A 152 12.81 8.85 -9.92
CA LYS A 152 12.10 10.12 -9.90
C LYS A 152 11.50 10.42 -11.27
N GLY A 153 10.37 11.11 -11.27
CA GLY A 153 9.84 11.67 -12.49
C GLY A 153 9.15 10.69 -13.41
N TYR A 154 8.36 9.77 -12.86
CA TYR A 154 7.52 8.86 -13.63
C TYR A 154 6.08 9.05 -13.20
N PHE A 155 5.15 8.71 -14.09
CA PHE A 155 3.74 8.86 -13.72
C PHE A 155 3.00 7.53 -13.59
N PRO A 156 2.73 6.79 -14.71
CA PRO A 156 1.61 5.82 -14.73
C PRO A 156 1.42 4.94 -13.50
N GLU A 157 2.52 4.45 -12.92
CA GLU A 157 2.56 3.55 -11.77
C GLU A 157 2.12 2.14 -12.13
N PRO A 158 2.68 1.10 -11.48
CA PRO A 158 3.75 1.17 -10.48
C PRO A 158 5.14 1.00 -11.09
N VAL A 159 6.14 0.75 -10.24
CA VAL A 159 7.48 0.41 -10.68
C VAL A 159 7.97 -0.81 -9.90
N THR A 160 9.10 -1.36 -10.35
CA THR A 160 9.69 -2.56 -9.78
C THR A 160 11.14 -2.26 -9.42
N VAL A 161 11.53 -2.56 -8.18
CA VAL A 161 12.90 -2.36 -7.72
C VAL A 161 13.39 -3.65 -7.09
N THR A 162 14.45 -4.23 -7.66
CA THR A 162 15.19 -5.32 -7.06
C THR A 162 16.67 -4.95 -7.03
N TRP A 163 17.47 -5.74 -6.32
CA TRP A 163 18.91 -5.52 -6.22
C TRP A 163 19.62 -6.80 -6.62
N ASN A 164 20.47 -6.70 -7.65
CA ASN A 164 21.20 -7.84 -8.21
C ASN A 164 20.23 -8.93 -8.69
N SER A 165 19.22 -8.51 -9.44
CA SER A 165 18.21 -9.40 -10.01
C SER A 165 17.48 -10.19 -8.94
N GLY A 166 17.36 -9.63 -7.73
CA GLY A 166 16.75 -10.34 -6.64
C GLY A 166 17.71 -11.15 -5.79
N SER A 167 19.01 -11.06 -6.04
CA SER A 167 19.99 -11.76 -5.22
C SER A 167 20.21 -11.08 -3.87
N LEU A 168 19.78 -9.84 -3.72
CA LEU A 168 19.76 -9.15 -2.43
C LEU A 168 18.31 -8.95 -2.03
N SER A 169 17.85 -9.72 -1.04
CA SER A 169 16.45 -9.72 -0.64
C SER A 169 16.28 -9.09 0.74
N SER A 170 16.78 -9.72 1.79
CA SER A 170 16.70 -9.13 3.12
C SER A 170 17.54 -7.86 3.20
N GLY A 171 17.22 -7.02 4.18
CA GLY A 171 17.90 -5.75 4.31
C GLY A 171 17.61 -4.78 3.18
N VAL A 172 16.42 -4.85 2.59
CA VAL A 172 16.00 -3.95 1.52
C VAL A 172 14.75 -3.22 1.99
N HIS A 173 14.67 -1.93 1.67
CA HIS A 173 13.53 -1.08 2.05
C HIS A 173 13.15 -0.23 0.84
N THR A 174 12.14 -0.68 0.09
CA THR A 174 11.58 0.10 -1.01
C THR A 174 10.37 0.88 -0.52
N PHE A 175 10.40 2.19 -0.71
CA PHE A 175 9.44 3.10 -0.11
C PHE A 175 8.31 3.44 -1.08
N PRO A 176 7.11 3.68 -0.57
CA PRO A 176 5.98 4.01 -1.44
C PRO A 176 6.18 5.31 -2.19
N ALA A 177 5.57 5.40 -3.37
CA ALA A 177 5.72 6.59 -4.20
C ALA A 177 4.86 7.72 -3.68
N VAL A 178 5.26 8.95 -4.02
CA VAL A 178 4.48 10.16 -3.75
C VAL A 178 4.59 11.07 -4.96
N LEU A 179 3.63 11.97 -5.09
CA LEU A 179 3.59 12.94 -6.18
C LEU A 179 4.35 14.20 -5.74
N GLN A 180 5.49 14.46 -6.36
CA GLN A 180 6.23 15.69 -6.05
C GLN A 180 5.50 16.91 -6.60
N SER A 181 5.21 16.89 -7.90
CA SER A 181 4.31 17.88 -8.50
C SER A 181 3.09 17.13 -9.03
N ASP A 182 3.20 16.61 -10.24
CA ASP A 182 2.25 15.64 -10.77
C ASP A 182 3.00 14.48 -11.41
N LEU A 183 4.11 14.08 -10.80
CA LEU A 183 4.85 12.88 -11.16
C LEU A 183 5.25 12.16 -9.87
N TYR A 184 5.40 10.85 -9.98
CA TYR A 184 5.71 10.04 -8.80
C TYR A 184 7.21 9.94 -8.58
N THR A 185 7.59 9.88 -7.31
CA THR A 185 8.97 9.69 -6.90
C THR A 185 9.04 8.58 -5.87
N LEU A 186 10.05 7.70 -6.02
CA LEU A 186 10.21 6.54 -5.17
C LEU A 186 11.68 6.37 -4.82
N SER A 187 11.94 5.85 -3.63
CA SER A 187 13.30 5.62 -3.15
C SER A 187 13.40 4.20 -2.60
N SER A 188 14.57 3.59 -2.80
CA SER A 188 14.86 2.24 -2.33
C SER A 188 16.24 2.22 -1.70
N SER A 189 16.42 1.33 -0.72
CA SER A 189 17.68 1.21 0.00
C SER A 189 18.05 -0.26 0.16
N VAL A 190 19.36 -0.50 0.27
CA VAL A 190 19.90 -1.81 0.60
C VAL A 190 21.10 -1.58 1.52
N THR A 191 21.24 -2.45 2.52
CA THR A 191 22.34 -2.34 3.48
C THR A 191 23.13 -3.64 3.48
N VAL A 192 24.43 -3.53 3.24
CA VAL A 192 25.29 -4.70 3.01
C VAL A 192 26.58 -4.50 3.77
N PRO A 193 27.28 -5.59 4.09
CA PRO A 193 28.52 -5.46 4.87
C PRO A 193 29.59 -4.69 4.11
N SER A 194 30.45 -4.02 4.88
CA SER A 194 31.55 -3.25 4.29
C SER A 194 32.45 -4.12 3.44
N SER A 195 32.58 -5.40 3.80
CA SER A 195 33.36 -6.32 2.99
C SER A 195 32.73 -6.58 1.63
N THR A 196 31.42 -6.37 1.50
CA THR A 196 30.73 -6.70 0.26
C THR A 196 30.92 -5.63 -0.80
N TRP A 197 30.83 -4.36 -0.42
CA TRP A 197 30.86 -3.23 -1.34
C TRP A 197 31.88 -2.21 -0.85
N PRO A 198 32.59 -1.52 -1.76
CA PRO A 198 32.51 -1.54 -3.23
C PRO A 198 33.34 -2.63 -3.89
N SER A 199 33.78 -3.63 -3.12
CA SER A 199 34.63 -4.67 -3.68
C SER A 199 33.87 -5.58 -4.66
N GLU A 200 32.54 -5.54 -4.66
CA GLU A 200 31.76 -6.28 -5.62
C GLU A 200 30.60 -5.41 -6.10
N THR A 201 30.05 -5.78 -7.25
CA THR A 201 29.06 -4.95 -7.91
C THR A 201 27.74 -4.95 -7.17
N VAL A 202 27.07 -3.81 -7.17
CA VAL A 202 25.71 -3.67 -6.68
C VAL A 202 24.93 -2.90 -7.74
N THR A 203 23.84 -3.49 -8.22
CA THR A 203 23.09 -2.95 -9.35
C THR A 203 21.60 -3.03 -9.03
N CYS A 204 20.98 -1.88 -8.79
CA CYS A 204 19.53 -1.84 -8.59
C CYS A 204 18.83 -1.91 -9.95
N ASN A 205 17.76 -2.70 -10.01
CA ASN A 205 17.07 -3.00 -11.25
C ASN A 205 15.67 -2.40 -11.18
N VAL A 206 15.38 -1.44 -12.07
CA VAL A 206 14.10 -0.75 -12.08
C VAL A 206 13.35 -1.12 -13.36
N ALA A 207 12.05 -1.29 -13.23
CA ALA A 207 11.19 -1.65 -14.35
C ALA A 207 9.88 -0.89 -14.22
N HIS A 208 9.58 -0.04 -15.20
CA HIS A 208 8.34 0.72 -15.27
C HIS A 208 7.52 0.17 -16.43
N PRO A 209 6.65 -0.82 -16.18
CA PRO A 209 6.07 -1.59 -17.29
C PRO A 209 5.17 -0.77 -18.20
N ALA A 210 4.52 0.29 -17.68
CA ALA A 210 3.60 1.05 -18.51
C ALA A 210 4.31 1.70 -19.70
N SER A 211 5.59 2.03 -19.54
CA SER A 211 6.42 2.49 -20.64
C SER A 211 7.37 1.43 -21.15
N SER A 212 7.35 0.23 -20.54
CA SER A 212 8.17 -0.91 -20.91
C SER A 212 9.67 -0.68 -20.70
N THR A 213 10.05 0.38 -19.99
CA THR A 213 11.46 0.57 -19.72
C THR A 213 11.96 -0.45 -18.70
N LYS A 214 13.26 -0.70 -18.74
CA LYS A 214 13.89 -1.67 -17.85
C LYS A 214 15.33 -1.22 -17.68
N VAL A 215 15.68 -0.71 -16.50
CA VAL A 215 16.93 0.00 -16.27
C VAL A 215 17.72 -0.69 -15.16
N ASP A 216 19.03 -0.80 -15.36
CA ASP A 216 19.96 -1.32 -14.36
C ASP A 216 21.07 -0.30 -14.16
N LYS A 217 21.25 0.15 -12.92
CA LYS A 217 22.20 1.20 -12.58
C LYS A 217 23.22 0.65 -11.59
N LYS A 218 24.47 0.52 -12.04
CA LYS A 218 25.54 0.08 -11.15
C LYS A 218 25.87 1.17 -10.15
N ILE A 219 25.94 0.80 -8.87
CA ILE A 219 26.31 1.74 -7.81
C ILE A 219 27.82 1.77 -7.69
N VAL A 220 28.40 2.95 -7.90
CA VAL A 220 29.85 3.13 -7.90
C VAL A 220 30.22 4.08 -6.77
N PRO A 221 31.36 3.91 -6.10
CA PRO A 221 31.82 4.94 -5.17
C PRO A 221 32.28 6.20 -5.91
N ARG A 222 32.29 7.29 -5.17
CA ARG A 222 32.54 8.60 -5.77
C ARG A 222 34.03 8.93 -5.76
N ASP A 223 34.38 9.97 -6.52
CA ASP A 223 35.75 10.46 -6.55
C ASP A 223 35.96 11.58 -5.55
N GLN B 2 -27.45 0.11 4.03
CA GLN B 2 -27.16 1.55 4.07
C GLN B 2 -26.56 1.93 5.42
N ILE B 3 -26.87 1.13 6.43
CA ILE B 3 -26.42 1.30 7.81
C ILE B 3 -24.96 1.71 7.87
N VAL B 4 -24.65 2.71 8.70
CA VAL B 4 -23.28 3.21 8.82
C VAL B 4 -22.58 2.45 9.93
N LEU B 5 -21.41 1.89 9.62
CA LEU B 5 -20.67 1.04 10.54
C LEU B 5 -19.47 1.81 11.07
N THR B 6 -19.45 2.03 12.39
CA THR B 6 -18.42 2.81 13.07
C THR B 6 -17.54 1.87 13.88
N GLN B 7 -16.24 1.91 13.62
CA GLN B 7 -15.29 1.01 14.26
C GLN B 7 -14.52 1.73 15.38
N SER B 8 -13.91 0.92 16.23
CA SER B 8 -13.19 1.40 17.41
C SER B 8 -11.83 1.96 16.94
N PRO B 9 -10.97 2.45 17.89
CA PRO B 9 -9.67 3.03 17.49
C PRO B 9 -8.97 2.34 16.33
N ALA B 10 -8.91 3.04 15.19
CA ALA B 10 -8.28 2.47 14.00
C ALA B 10 -6.80 2.19 14.25
N LEU B 11 -6.12 3.07 14.97
CA LEU B 11 -4.73 2.88 15.35
C LEU B 11 -4.69 2.21 16.72
N MET B 12 -4.51 0.90 16.73
CA MET B 12 -4.45 0.12 17.96
C MET B 12 -3.12 -0.61 18.03
N SER B 13 -2.51 -0.59 19.21
CA SER B 13 -1.18 -1.14 19.44
C SER B 13 -1.26 -2.24 20.48
N ALA B 14 -0.68 -3.39 20.17
CA ALA B 14 -0.71 -4.53 21.07
C ALA B 14 0.52 -5.40 20.85
N SER B 15 1.15 -5.79 21.96
CA SER B 15 2.32 -6.65 22.00
C SER B 15 1.91 -8.12 21.98
N PRO B 16 2.81 -9.02 21.61
CA PRO B 16 2.47 -10.45 21.62
C PRO B 16 2.06 -10.92 23.00
N GLY B 17 0.99 -11.72 23.03
CA GLY B 17 0.44 -12.21 24.28
C GLY B 17 -0.77 -11.42 24.73
N GLU B 18 -0.74 -10.11 24.50
CA GLU B 18 -1.82 -9.24 24.95
C GLU B 18 -3.12 -9.57 24.22
N LYS B 19 -4.23 -9.36 24.92
CA LYS B 19 -5.55 -9.61 24.36
C LYS B 19 -6.11 -8.33 23.73
N VAL B 20 -6.58 -8.43 22.49
CA VAL B 20 -7.06 -7.30 21.71
C VAL B 20 -8.57 -7.40 21.57
N THR B 21 -9.22 -6.24 21.47
CA THR B 21 -10.66 -6.17 21.23
C THR B 21 -10.95 -5.04 20.27
N MET B 22 -11.58 -5.36 19.15
CA MET B 22 -12.10 -4.38 18.22
C MET B 22 -13.63 -4.42 18.29
N THR B 23 -14.26 -3.26 18.15
CA THR B 23 -15.72 -3.17 18.17
C THR B 23 -16.21 -2.46 16.92
N CYS B 24 -17.33 -2.94 16.39
CA CYS B 24 -17.97 -2.37 15.20
C CYS B 24 -19.38 -1.94 15.59
N SER B 25 -19.62 -0.63 15.59
CA SER B 25 -20.91 -0.06 15.96
C SER B 25 -21.72 0.22 14.70
N ALA B 26 -23.03 0.01 14.79
CA ALA B 26 -23.92 0.13 13.65
C ALA B 26 -24.96 1.22 13.91
N SER B 27 -25.35 1.92 12.84
CA SER B 27 -26.33 2.99 12.97
C SER B 27 -27.72 2.43 13.22
N SER B 28 -28.08 1.35 12.55
CA SER B 28 -29.35 0.67 12.75
C SER B 28 -29.10 -0.80 13.10
N SER B 29 -30.14 -1.44 13.63
CA SER B 29 -30.00 -2.82 14.09
C SER B 29 -29.71 -3.75 12.91
N VAL B 30 -28.91 -4.77 13.17
CA VAL B 30 -28.44 -5.68 12.12
C VAL B 30 -28.54 -7.11 12.62
N SER B 31 -28.79 -8.03 11.69
CA SER B 31 -28.96 -9.43 12.05
C SER B 31 -27.63 -10.11 12.34
N ASN B 32 -26.65 -9.97 11.44
CA ASN B 32 -25.36 -10.61 11.60
C ASN B 32 -24.26 -9.71 11.06
N MET B 33 -23.03 -9.96 11.52
CA MET B 33 -21.88 -9.16 11.15
C MET B 33 -20.78 -10.05 10.57
N TYR B 34 -20.03 -9.51 9.62
CA TYR B 34 -18.99 -10.23 8.92
C TYR B 34 -17.71 -9.40 8.95
N TRP B 35 -16.60 -10.03 9.31
CA TRP B 35 -15.32 -9.36 9.43
C TRP B 35 -14.35 -9.86 8.37
N TYR B 36 -13.50 -8.96 7.90
CA TYR B 36 -12.49 -9.26 6.89
C TYR B 36 -11.13 -8.77 7.38
N GLN B 37 -10.08 -9.37 6.81
CA GLN B 37 -8.71 -8.97 7.09
C GLN B 37 -8.05 -8.54 5.79
N GLN B 38 -7.23 -7.49 5.85
CA GLN B 38 -6.52 -7.01 4.68
C GLN B 38 -5.08 -6.68 5.07
N LYS B 39 -4.14 -7.13 4.25
CA LYS B 39 -2.71 -6.94 4.43
C LYS B 39 -2.20 -5.85 3.48
N PRO B 40 -0.97 -5.31 3.71
CA PRO B 40 -0.46 -4.23 2.86
C PRO B 40 -0.60 -4.46 1.35
N ARG B 41 -1.52 -3.72 0.73
CA ARG B 41 -1.84 -3.83 -0.68
C ARG B 41 -1.96 -5.30 -1.10
N SER B 42 -3.05 -5.91 -0.63
CA SER B 42 -3.34 -7.31 -0.89
C SER B 42 -4.86 -7.51 -0.84
N SER B 43 -5.31 -8.62 -1.42
CA SER B 43 -6.74 -8.88 -1.50
C SER B 43 -7.30 -9.21 -0.12
N PRO B 44 -8.35 -8.54 0.33
CA PRO B 44 -8.91 -8.84 1.66
C PRO B 44 -9.52 -10.23 1.69
N LYS B 45 -9.13 -11.01 2.73
CA LYS B 45 -9.63 -12.36 2.89
C LYS B 45 -10.68 -12.42 3.99
N PRO B 46 -11.63 -13.35 3.90
CA PRO B 46 -12.67 -13.46 4.92
C PRO B 46 -12.11 -14.03 6.22
N TRP B 47 -12.41 -13.37 7.33
CA TRP B 47 -11.89 -13.76 8.63
C TRP B 47 -12.97 -14.34 9.54
N ILE B 48 -14.02 -13.58 9.82
CA ILE B 48 -15.11 -14.02 10.69
C ILE B 48 -16.43 -13.70 10.01
N TYR B 49 -17.28 -14.70 9.85
CA TYR B 49 -18.58 -14.55 9.22
C TYR B 49 -19.67 -15.01 10.16
N LEU B 50 -20.90 -14.59 9.86
CA LEU B 50 -22.08 -14.89 10.68
C LEU B 50 -21.83 -14.56 12.14
N THR B 51 -21.39 -13.32 12.38
CA THR B 51 -21.17 -12.74 13.70
C THR B 51 -20.01 -13.39 14.45
N SER B 52 -19.92 -14.71 14.45
CA SER B 52 -18.94 -15.38 15.30
C SER B 52 -18.59 -16.79 14.87
N ASN B 53 -18.63 -17.08 13.57
CA ASN B 53 -18.45 -18.47 13.12
C ASN B 53 -16.99 -18.83 12.89
N LEU B 54 -16.12 -17.86 12.62
CA LEU B 54 -14.72 -18.08 12.25
C LEU B 54 -14.62 -18.75 10.89
N ALA B 55 -14.12 -18.02 9.90
CA ALA B 55 -14.06 -18.50 8.52
C ALA B 55 -12.98 -19.58 8.37
N SER B 56 -12.61 -19.86 7.12
CA SER B 56 -11.64 -20.90 6.80
C SER B 56 -10.24 -20.30 6.70
N GLY B 57 -9.33 -20.79 7.53
CA GLY B 57 -7.97 -20.29 7.61
C GLY B 57 -7.57 -19.71 8.96
N VAL B 58 -8.51 -19.53 9.88
CA VAL B 58 -8.36 -18.62 11.00
C VAL B 58 -8.02 -19.39 12.27
N PRO B 59 -7.05 -18.94 13.06
CA PRO B 59 -6.76 -19.61 14.33
C PRO B 59 -7.85 -19.34 15.37
N ALA B 60 -8.02 -20.29 16.28
CA ALA B 60 -9.04 -20.21 17.32
C ALA B 60 -8.73 -19.14 18.37
N ARG B 61 -7.56 -18.50 18.31
CA ARG B 61 -7.32 -17.36 19.19
C ARG B 61 -8.17 -16.16 18.80
N PHE B 62 -8.75 -16.17 17.61
CA PHE B 62 -9.74 -15.17 17.20
C PHE B 62 -11.13 -15.59 17.65
N SER B 63 -11.99 -14.60 17.85
CA SER B 63 -13.35 -14.89 18.27
C SER B 63 -14.24 -13.72 17.90
N GLY B 64 -15.46 -14.03 17.47
CA GLY B 64 -16.43 -13.00 17.17
C GLY B 64 -17.54 -12.95 18.20
N SER B 65 -18.21 -11.81 18.30
CA SER B 65 -19.31 -11.63 19.24
C SER B 65 -20.07 -10.36 18.87
N GLY B 66 -21.27 -10.23 19.42
CA GLY B 66 -22.11 -9.07 19.17
C GLY B 66 -23.58 -9.32 19.45
N SER B 67 -24.31 -9.75 18.42
CA SER B 67 -25.73 -10.13 18.52
C SER B 67 -26.58 -8.95 18.99
N GLY B 68 -26.56 -7.88 18.20
CA GLY B 68 -27.37 -6.72 18.51
C GLY B 68 -27.11 -5.57 17.56
N THR B 69 -26.64 -4.45 18.10
CA THR B 69 -26.18 -3.34 17.29
C THR B 69 -24.70 -3.04 17.53
N SER B 70 -24.07 -3.71 18.49
CA SER B 70 -22.65 -3.55 18.78
C SER B 70 -21.99 -4.92 18.68
N TYR B 71 -21.06 -5.06 17.76
CA TYR B 71 -20.34 -6.30 17.56
C TYR B 71 -18.87 -6.11 17.90
N SER B 72 -18.14 -7.22 18.02
CA SER B 72 -16.76 -7.13 18.46
C SER B 72 -15.96 -8.33 17.96
N LEU B 73 -14.68 -8.08 17.68
CA LEU B 73 -13.70 -9.09 17.32
C LEU B 73 -12.62 -9.09 18.38
N THR B 74 -12.28 -10.28 18.88
CA THR B 74 -11.37 -10.40 20.01
C THR B 74 -10.25 -11.38 19.69
N ILE B 75 -9.01 -10.96 19.93
CA ILE B 75 -7.85 -11.84 19.87
C ILE B 75 -7.43 -12.15 21.29
N SER B 76 -7.41 -13.44 21.64
CA SER B 76 -7.06 -13.82 23.00
C SER B 76 -5.56 -13.68 23.24
N SER B 77 -4.74 -14.16 22.30
CA SER B 77 -3.28 -14.13 22.43
C SER B 77 -2.70 -13.57 21.15
N MET B 78 -2.16 -12.36 21.22
CA MET B 78 -1.68 -11.67 20.02
C MET B 78 -0.42 -12.35 19.49
N GLU B 79 -0.30 -12.37 18.16
CA GLU B 79 0.87 -12.93 17.50
C GLU B 79 1.32 -12.00 16.39
N ALA B 80 2.54 -12.24 15.90
CA ALA B 80 3.13 -11.31 14.93
C ALA B 80 2.41 -11.35 13.59
N GLU B 81 1.91 -12.51 13.20
CA GLU B 81 1.20 -12.65 11.93
C GLU B 81 -0.22 -12.07 11.99
N ASP B 82 -0.55 -11.32 13.04
CA ASP B 82 -1.88 -10.73 13.19
C ASP B 82 -1.93 -9.24 12.85
N ALA B 83 -0.79 -8.61 12.59
CA ALA B 83 -0.78 -7.20 12.22
C ALA B 83 -1.43 -7.02 10.85
N ALA B 84 -2.53 -6.27 10.82
CA ALA B 84 -3.29 -6.01 9.60
C ALA B 84 -4.41 -5.02 9.87
N THR B 85 -5.18 -4.69 8.83
CA THR B 85 -6.37 -3.87 8.97
C THR B 85 -7.59 -4.76 8.85
N TYR B 86 -8.52 -4.61 9.79
CA TYR B 86 -9.70 -5.46 9.86
C TYR B 86 -10.96 -4.64 9.62
N TYR B 87 -11.78 -5.08 8.68
CA TYR B 87 -13.01 -4.41 8.30
C TYR B 87 -14.22 -5.22 8.76
N CYS B 88 -15.32 -4.54 9.07
CA CYS B 88 -16.58 -5.18 9.39
C CYS B 88 -17.61 -4.87 8.31
N GLN B 89 -18.29 -5.89 7.82
CA GLN B 89 -19.31 -5.75 6.77
C GLN B 89 -20.68 -6.14 7.30
N GLN B 90 -21.70 -5.48 6.76
CA GLN B 90 -23.10 -5.77 7.07
C GLN B 90 -23.82 -6.31 5.83
N TRP B 91 -24.72 -7.27 6.04
CA TRP B 91 -25.50 -7.87 4.97
C TRP B 91 -26.99 -7.56 5.08
N SER B 92 -27.44 -6.94 6.18
CA SER B 92 -28.86 -6.90 6.51
C SER B 92 -29.64 -5.98 5.58
N SER B 93 -29.30 -4.68 5.58
CA SER B 93 -30.00 -3.70 4.78
C SER B 93 -29.31 -3.51 3.43
N ASN B 94 -29.87 -2.61 2.61
CA ASN B 94 -29.27 -2.26 1.33
C ASN B 94 -29.03 -0.76 1.26
N PRO B 95 -27.89 -0.32 0.72
CA PRO B 95 -26.84 -1.20 0.17
C PRO B 95 -25.92 -1.79 1.22
N LEU B 96 -25.08 -2.73 0.78
CA LEU B 96 -24.11 -3.36 1.66
C LEU B 96 -23.02 -2.36 2.01
N THR B 97 -22.71 -2.23 3.30
CA THR B 97 -21.74 -1.25 3.77
C THR B 97 -20.67 -1.93 4.61
N PHE B 98 -19.53 -1.26 4.70
CA PHE B 98 -18.39 -1.71 5.49
C PHE B 98 -18.11 -0.70 6.59
N GLY B 99 -17.21 -1.08 7.51
CA GLY B 99 -16.64 -0.13 8.43
C GLY B 99 -15.51 0.64 7.78
N ALA B 100 -14.95 1.57 8.54
CA ALA B 100 -13.78 2.31 8.06
C ALA B 100 -12.49 1.51 8.21
N GLY B 101 -12.47 0.52 9.11
CA GLY B 101 -11.31 -0.30 9.32
C GLY B 101 -10.52 0.09 10.55
N THR B 102 -9.99 -0.91 11.26
CA THR B 102 -9.04 -0.69 12.34
C THR B 102 -7.72 -1.37 11.98
N LYS B 103 -6.64 -0.61 12.00
CA LYS B 103 -5.32 -1.12 11.66
C LYS B 103 -4.64 -1.61 12.92
N LEU B 104 -4.58 -2.93 13.10
CA LEU B 104 -3.88 -3.50 14.23
C LEU B 104 -2.38 -3.46 13.99
N GLU B 105 -1.62 -3.24 15.06
CA GLU B 105 -0.19 -3.00 14.97
C GLU B 105 0.54 -3.74 16.07
N LEU B 106 1.78 -4.18 15.78
CA LEU B 106 2.59 -4.93 16.72
C LEU B 106 3.40 -3.94 17.57
N LYS B 107 3.13 -3.95 18.88
CA LYS B 107 3.90 -3.17 19.83
C LYS B 107 5.11 -3.99 20.27
N ARG B 108 6.30 -3.41 20.14
CA ARG B 108 7.53 -4.08 20.51
C ARG B 108 8.44 -3.05 21.19
N ALA B 109 9.65 -3.51 21.54
CA ALA B 109 10.62 -2.62 22.16
C ALA B 109 10.97 -1.49 21.21
N ASP B 110 11.03 -0.27 21.75
CA ASP B 110 11.28 0.91 20.94
C ASP B 110 12.72 0.91 20.44
N ALA B 111 12.90 1.01 19.13
CA ALA B 111 14.22 1.05 18.51
C ALA B 111 14.43 2.41 17.85
N ALA B 112 15.72 2.86 17.85
CA ALA B 112 16.19 4.10 17.26
C ALA B 112 16.67 3.88 15.83
N PRO B 113 16.54 4.86 14.95
CA PRO B 113 16.79 4.63 13.53
C PRO B 113 18.27 4.69 13.16
N THR B 114 18.60 3.98 12.09
CA THR B 114 19.93 4.04 11.48
C THR B 114 19.86 5.02 10.31
N VAL B 115 20.53 6.16 10.46
CA VAL B 115 20.33 7.30 9.57
C VAL B 115 21.46 7.37 8.56
N SER B 116 21.11 7.58 7.29
CA SER B 116 22.08 7.70 6.21
C SER B 116 21.65 8.83 5.28
N ILE B 117 22.61 9.66 4.88
CA ILE B 117 22.37 10.80 4.00
C ILE B 117 23.18 10.60 2.72
N PHE B 118 22.64 11.09 1.61
CA PHE B 118 23.23 10.85 0.29
C PHE B 118 23.24 12.13 -0.53
N PRO B 119 24.40 12.56 -1.04
CA PRO B 119 24.45 13.71 -1.94
C PRO B 119 23.95 13.33 -3.33
N PRO B 120 23.62 14.32 -4.17
CA PRO B 120 23.11 14.00 -5.50
C PRO B 120 24.13 13.22 -6.33
N SER B 121 23.61 12.41 -7.24
CA SER B 121 24.48 11.67 -8.14
C SER B 121 25.06 12.60 -9.20
N SER B 122 26.18 12.18 -9.79
CA SER B 122 26.77 12.95 -10.88
C SER B 122 25.86 12.96 -12.10
N GLU B 123 25.00 11.96 -12.24
CA GLU B 123 24.05 11.95 -13.35
C GLU B 123 23.02 13.05 -13.20
N GLN B 124 22.43 13.18 -12.01
CA GLN B 124 21.36 14.16 -11.80
C GLN B 124 21.87 15.58 -12.00
N LEU B 125 23.12 15.85 -11.58
CA LEU B 125 23.68 17.18 -11.80
C LEU B 125 23.86 17.46 -13.29
N THR B 126 24.35 16.48 -14.04
CA THR B 126 24.58 16.68 -15.47
C THR B 126 23.28 17.05 -16.19
N SER B 127 22.15 16.52 -15.75
CA SER B 127 20.85 16.90 -16.30
C SER B 127 20.23 18.10 -15.59
N GLY B 128 21.02 18.84 -14.81
CA GLY B 128 20.51 20.01 -14.10
C GLY B 128 19.48 19.69 -13.04
N GLY B 129 19.91 19.03 -11.97
CA GLY B 129 19.04 18.67 -10.88
C GLY B 129 19.81 18.16 -9.67
N ALA B 130 19.26 18.34 -8.47
CA ALA B 130 19.96 17.94 -7.26
C ALA B 130 18.96 17.51 -6.21
N SER B 131 19.06 16.25 -5.78
CA SER B 131 18.18 15.68 -4.77
C SER B 131 19.03 15.06 -3.68
N VAL B 132 18.90 15.55 -2.46
CA VAL B 132 19.60 15.00 -1.32
C VAL B 132 18.64 14.07 -0.59
N VAL B 133 18.91 12.77 -0.64
CA VAL B 133 18.08 11.77 0.01
C VAL B 133 18.63 11.50 1.41
N CYS B 134 17.74 11.12 2.32
CA CYS B 134 18.11 10.80 3.69
C CYS B 134 17.25 9.64 4.16
N PHE B 135 17.88 8.51 4.44
CA PHE B 135 17.18 7.30 4.88
C PHE B 135 17.20 7.18 6.39
N LEU B 136 16.07 6.78 6.96
CA LEU B 136 15.93 6.49 8.39
C LEU B 136 15.37 5.08 8.52
N ASN B 137 16.25 4.11 8.72
CA ASN B 137 15.88 2.69 8.61
C ASN B 137 15.72 2.05 9.98
N ASN B 138 14.66 1.25 10.10
CA ASN B 138 14.50 0.29 11.19
C ASN B 138 14.39 0.96 12.55
N PHE B 139 13.17 1.33 12.95
CA PHE B 139 12.93 1.98 14.23
C PHE B 139 11.50 1.68 14.68
N TYR B 140 11.23 1.97 15.95
CA TYR B 140 9.90 1.87 16.52
C TYR B 140 9.83 2.85 17.69
N PRO B 141 8.72 3.59 17.86
CA PRO B 141 7.47 3.52 17.09
C PRO B 141 7.47 4.28 15.77
N LYS B 142 6.29 4.32 15.14
CA LYS B 142 6.16 4.90 13.81
C LYS B 142 6.41 6.40 13.79
N ASP B 143 6.06 7.09 14.88
CA ASP B 143 6.08 8.55 14.86
C ASP B 143 7.51 9.08 14.90
N ILE B 144 7.83 9.97 13.96
CA ILE B 144 9.15 10.57 13.85
C ILE B 144 9.00 11.82 13.01
N ASN B 145 9.84 12.82 13.28
CA ASN B 145 9.88 14.03 12.47
C ASN B 145 11.28 14.21 11.89
N VAL B 146 11.32 14.63 10.64
CA VAL B 146 12.57 14.95 9.95
C VAL B 146 12.69 16.46 9.85
N LYS B 147 13.88 16.98 10.14
CA LYS B 147 14.16 18.40 10.03
C LYS B 147 15.40 18.59 9.18
N TRP B 148 15.25 19.30 8.07
CA TRP B 148 16.36 19.57 7.16
C TRP B 148 17.05 20.88 7.54
N LYS B 149 18.36 20.92 7.31
CA LYS B 149 19.16 22.11 7.58
C LYS B 149 20.22 22.25 6.50
N ILE B 150 20.34 23.44 5.92
CA ILE B 150 21.40 23.78 4.98
C ILE B 150 22.06 25.06 5.46
N ASP B 151 23.38 25.03 5.58
CA ASP B 151 24.15 26.14 6.16
C ASP B 151 23.58 26.56 7.51
N GLY B 152 23.17 25.57 8.29
CA GLY B 152 22.68 25.80 9.65
C GLY B 152 21.38 26.57 9.73
N SER B 153 20.45 26.32 8.81
CA SER B 153 19.15 26.99 8.85
C SER B 153 18.10 26.07 8.23
N GLU B 154 16.87 26.19 8.75
CA GLU B 154 15.80 25.25 8.43
C GLU B 154 15.24 25.51 7.04
N ARG B 155 15.35 24.52 6.16
CA ARG B 155 14.72 24.57 4.84
C ARG B 155 13.27 24.11 4.98
N GLN B 156 12.33 25.04 4.84
CA GLN B 156 10.95 24.77 5.24
C GLN B 156 10.20 23.96 4.20
N ASN B 157 10.29 24.33 2.93
CA ASN B 157 9.52 23.70 1.87
C ASN B 157 10.45 22.90 0.96
N GLY B 158 9.84 22.24 -0.03
CA GLY B 158 10.59 21.37 -0.91
C GLY B 158 10.95 20.03 -0.31
N VAL B 159 10.23 19.59 0.72
CA VAL B 159 10.53 18.36 1.42
C VAL B 159 9.57 17.28 0.92
N LEU B 160 9.89 16.03 1.21
CA LEU B 160 9.17 14.90 0.62
C LEU B 160 9.41 13.67 1.48
N ASN B 161 8.36 13.18 2.14
CA ASN B 161 8.46 12.08 3.08
C ASN B 161 7.69 10.86 2.58
N SER B 162 8.14 9.68 2.99
CA SER B 162 7.49 8.43 2.62
C SER B 162 7.83 7.36 3.67
N TRP B 163 6.84 6.52 3.97
CA TRP B 163 6.94 5.52 5.02
C TRP B 163 6.67 4.14 4.46
N THR B 164 7.52 3.18 4.81
CA THR B 164 7.14 1.79 4.60
C THR B 164 6.24 1.33 5.75
N ASP B 165 5.51 0.24 5.50
CA ASP B 165 4.69 -0.33 6.55
C ASP B 165 5.56 -1.17 7.48
N GLN B 166 4.92 -1.75 8.50
CA GLN B 166 5.65 -2.48 9.53
C GLN B 166 6.32 -3.72 8.93
N ASP B 167 7.56 -3.98 9.37
CA ASP B 167 8.30 -5.11 8.85
C ASP B 167 7.75 -6.42 9.39
N SER B 168 7.56 -7.40 8.51
CA SER B 168 7.04 -8.69 8.94
C SER B 168 8.03 -9.45 9.81
N LYS B 169 9.32 -9.12 9.74
CA LYS B 169 10.32 -9.82 10.55
C LYS B 169 10.47 -9.14 11.92
N ASP B 170 11.09 -7.96 11.95
CA ASP B 170 11.43 -7.32 13.22
C ASP B 170 10.42 -6.27 13.67
N SER B 171 9.37 -6.02 12.89
CA SER B 171 8.25 -5.17 13.26
C SER B 171 8.61 -3.70 13.39
N THR B 172 9.66 -3.25 12.71
CA THR B 172 10.06 -1.86 12.74
C THR B 172 9.61 -1.14 11.47
N TYR B 173 9.71 0.18 11.50
CA TYR B 173 9.37 1.04 10.38
C TYR B 173 10.64 1.66 9.78
N SER B 174 10.48 2.26 8.61
CA SER B 174 11.56 2.95 7.92
C SER B 174 10.98 4.14 7.17
N MET B 175 11.84 5.10 6.87
CA MET B 175 11.38 6.37 6.31
C MET B 175 12.42 6.94 5.36
N SER B 176 11.97 7.30 4.16
CA SER B 176 12.80 7.98 3.18
C SER B 176 12.38 9.45 3.08
N SER B 177 13.32 10.35 3.34
CA SER B 177 13.08 11.78 3.18
C SER B 177 13.92 12.28 2.01
N THR B 178 13.28 13.02 1.11
CA THR B 178 13.95 13.58 -0.06
C THR B 178 13.92 15.11 0.04
N LEU B 179 14.95 15.73 -0.54
CA LEU B 179 15.06 17.19 -0.59
C LEU B 179 15.55 17.56 -1.98
N THR B 180 14.63 18.02 -2.83
CA THR B 180 14.91 18.29 -4.23
C THR B 180 15.22 19.77 -4.43
N LEU B 181 16.39 20.06 -4.98
CA LEU B 181 16.81 21.42 -5.26
C LEU B 181 17.17 21.56 -6.73
N THR B 182 17.35 22.80 -7.16
CA THR B 182 17.95 23.05 -8.46
C THR B 182 19.44 22.70 -8.41
N LYS B 183 19.97 22.32 -9.56
CA LYS B 183 21.41 22.10 -9.64
C LYS B 183 22.17 23.35 -9.21
N ASP B 184 21.62 24.53 -9.47
CA ASP B 184 22.32 25.76 -9.12
C ASP B 184 22.19 26.10 -7.65
N GLU B 185 20.99 25.94 -7.06
CA GLU B 185 20.82 26.27 -5.65
C GLU B 185 21.64 25.34 -4.77
N TYR B 186 21.78 24.08 -5.18
CA TYR B 186 22.59 23.14 -4.42
C TYR B 186 24.08 23.48 -4.50
N GLU B 187 24.55 23.86 -5.68
CA GLU B 187 25.94 24.28 -5.85
C GLU B 187 26.10 25.74 -5.40
N ARG B 188 25.77 25.97 -4.12
CA ARG B 188 25.90 27.29 -3.52
C ARG B 188 26.09 27.18 -2.01
N HIS B 189 25.23 26.42 -1.35
CA HIS B 189 25.44 26.13 0.05
C HIS B 189 26.45 24.99 0.19
N ASN B 190 26.94 24.80 1.42
CA ASN B 190 28.04 23.86 1.65
C ASN B 190 27.62 22.67 2.50
N SER B 191 27.12 22.90 3.72
CA SER B 191 26.75 21.80 4.62
C SER B 191 25.29 21.43 4.43
N TYR B 192 25.02 20.12 4.40
CA TYR B 192 23.67 19.60 4.23
C TYR B 192 23.42 18.60 5.36
N THR B 193 22.52 18.96 6.27
CA THR B 193 22.29 18.21 7.50
C THR B 193 20.91 17.57 7.48
N CYS B 194 20.85 16.31 7.90
CA CYS B 194 19.59 15.60 8.12
C CYS B 194 19.44 15.41 9.62
N GLU B 195 18.60 16.24 10.23
CA GLU B 195 18.35 16.19 11.66
C GLU B 195 17.02 15.51 11.95
N ALA B 196 17.06 14.39 12.66
CA ALA B 196 15.91 13.56 12.91
C ALA B 196 15.59 13.56 14.39
N THR B 197 14.30 13.63 14.72
CA THR B 197 13.86 13.62 16.11
C THR B 197 12.95 12.41 16.33
N HIS B 198 13.30 11.61 17.34
CA HIS B 198 12.60 10.38 17.68
C HIS B 198 12.37 10.37 19.19
N LYS B 199 11.36 9.62 19.63
CA LYS B 199 11.03 9.61 21.04
C LYS B 199 12.08 8.88 21.88
N THR B 200 12.91 8.04 21.26
CA THR B 200 13.85 7.24 22.02
C THR B 200 14.96 8.10 22.62
N SER B 201 15.43 9.11 21.90
CA SER B 201 16.65 9.82 22.25
C SER B 201 16.33 11.20 22.82
N THR B 202 17.14 11.62 23.79
CA THR B 202 17.06 12.94 24.39
C THR B 202 17.76 14.00 23.54
N SER B 203 18.16 13.67 22.31
CA SER B 203 18.76 14.61 21.38
C SER B 203 18.50 14.12 19.97
N PRO B 204 18.40 15.01 18.99
CA PRO B 204 18.18 14.56 17.61
C PRO B 204 19.42 13.90 17.02
N ILE B 205 19.19 12.91 16.18
CA ILE B 205 20.25 12.20 15.48
C ILE B 205 20.58 12.96 14.20
N VAL B 206 21.83 13.36 14.06
CA VAL B 206 22.28 14.23 12.96
C VAL B 206 23.20 13.44 12.05
N LYS B 207 22.97 13.55 10.74
CA LYS B 207 23.92 13.12 9.72
C LYS B 207 24.03 14.22 8.69
N SER B 208 25.24 14.72 8.47
CA SER B 208 25.49 15.82 7.56
C SER B 208 26.68 15.50 6.66
N PHE B 209 26.84 16.31 5.62
CA PHE B 209 27.99 16.21 4.73
C PHE B 209 28.22 17.57 4.10
N ASN B 210 29.34 17.69 3.39
CA ASN B 210 29.72 18.92 2.73
C ASN B 210 29.98 18.64 1.26
N ARG B 211 29.71 19.63 0.40
CA ARG B 211 30.04 19.49 -1.01
C ARG B 211 31.55 19.44 -1.22
N ASN B 212 32.29 20.23 -0.45
CA ASN B 212 33.74 20.25 -0.53
C ASN B 212 34.31 18.95 0.03
N GLU B 213 34.11 17.85 -0.68
CA GLU B 213 34.61 16.56 -0.24
C GLU B 213 35.32 15.83 -1.38
#